data_6WCE
#
_entry.id   6WCE
#
_cell.length_a   51.468
_cell.length_b   42.273
_cell.length_c   69.601
_cell.angle_alpha   90.000
_cell.angle_beta   106.818
_cell.angle_gamma   90.000
#
_symmetry.space_group_name_H-M   'P 1 21 1'
#
loop_
_entity.id
_entity.type
_entity.pdbx_description
1 polymer 'Pyridoxal-5-phosphate binding protein A (P5PA)'
2 non-polymer "PYRIDOXAL-5'-PHOSPHATE"
3 water water
#
_entity_poly.entity_id   1
_entity_poly.type   'polypeptide(L)'
_entity_poly.pdbx_seq_one_letter_code
;MKYLLPTAAAGLLLLAAQPAMAMAHHHHHHLVPRGSAAEGRLTVYCTVQNEVCENLTQKFAKQYQVETQFIQGGTGTIFG
KIKAEKDNPQADIWVGGTIEPHFQAGELGLLESYRSPKQAEILPQFKSLMEKRGDKTSIIYMLVLGFGVNSEKLQKLGVK
APQSWDDLLNPAFKGEIQLPDPRSSGTTYTIMATLIQKLGEEKAFEYLKKLNENVSQYVKSNLVTANLSRGESSASIGFV
HAYATEKEKGAPVETVIPAGKVGYALGGASIIKNARNLENAKLFMDYVLSAETQELPWREHGVYQIPTNANAKASPSSVD
PKKLDLLDFDFDKFGSSEEGKRLIDKWLTEIKLAK
;
_entity_poly.pdbx_strand_id   A
#
loop_
_chem_comp.id
_chem_comp.type
_chem_comp.name
_chem_comp.formula
PLP non-polymer PYRIDOXAL-5'-PHOSPHATE 'C8 H10 N O6 P'
#
# COMPACT_ATOMS: atom_id res chain seq x y z
N GLU A 39 20.69 -2.77 -24.11
CA GLU A 39 21.85 -3.59 -23.80
C GLU A 39 22.14 -3.55 -22.30
N GLY A 40 21.64 -2.52 -21.62
CA GLY A 40 21.62 -2.48 -20.17
C GLY A 40 20.51 -3.35 -19.61
N ARG A 41 20.46 -3.41 -18.28
CA ARG A 41 19.49 -4.27 -17.60
C ARG A 41 18.95 -3.53 -16.38
N LEU A 42 17.76 -3.96 -15.95
CA LEU A 42 17.16 -3.48 -14.71
C LEU A 42 16.09 -4.47 -14.28
N THR A 43 16.07 -4.81 -13.00
CA THR A 43 15.01 -5.62 -12.42
C THR A 43 14.27 -4.80 -11.36
N VAL A 44 12.96 -4.72 -11.49
CA VAL A 44 12.11 -3.94 -10.59
C VAL A 44 11.28 -4.90 -9.77
N TYR A 45 11.37 -4.78 -8.43
CA TYR A 45 10.35 -5.38 -7.58
C TYR A 45 9.20 -4.39 -7.52
N CYS A 46 8.01 -4.85 -7.87
CA CYS A 46 6.89 -3.96 -8.14
C CYS A 46 5.71 -4.33 -7.26
N THR A 47 5.25 -3.39 -6.43
CA THR A 47 4.09 -3.60 -5.59
C THR A 47 2.88 -2.80 -6.06
N VAL A 48 3.00 -2.00 -7.12
CA VAL A 48 1.79 -1.44 -7.72
C VAL A 48 1.12 -2.54 -8.55
N GLN A 49 0.02 -2.19 -9.21
CA GLN A 49 -0.78 -3.17 -9.93
C GLN A 49 0.00 -3.74 -11.10
N ASN A 50 -0.23 -5.03 -11.37
CA ASN A 50 0.55 -5.72 -12.40
C ASN A 50 0.51 -4.99 -13.74
N GLU A 51 -0.66 -4.51 -14.16
CA GLU A 51 -0.75 -3.87 -15.47
C GLU A 51 0.00 -2.55 -15.49
N VAL A 52 0.08 -1.87 -14.34
CA VAL A 52 0.88 -0.66 -14.22
C VAL A 52 2.37 -0.99 -14.23
N CYS A 53 2.78 -2.04 -13.48
CA CYS A 53 4.17 -2.50 -13.56
C CYS A 53 4.59 -2.76 -15.00
N GLU A 54 3.72 -3.43 -15.75
CA GLU A 54 4.04 -3.77 -17.13
C GLU A 54 4.22 -2.52 -17.97
N ASN A 55 3.28 -1.58 -17.85
CA ASN A 55 3.37 -0.34 -18.62
C ASN A 55 4.61 0.46 -18.22
N LEU A 56 4.83 0.66 -16.93
CA LEU A 56 6.00 1.41 -16.48
C LEU A 56 7.29 0.83 -17.04
N THR A 57 7.46 -0.49 -16.93
CA THR A 57 8.74 -1.08 -17.31
C THR A 57 8.92 -1.10 -18.81
N GLN A 58 7.84 -1.36 -19.56
CA GLN A 58 7.93 -1.37 -21.01
C GLN A 58 8.29 0.02 -21.55
N LYS A 59 7.67 1.05 -20.97
CA LYS A 59 7.94 2.41 -21.42
C LYS A 59 9.37 2.83 -21.08
N PHE A 60 9.81 2.50 -19.88
CA PHE A 60 11.18 2.78 -19.47
C PHE A 60 12.18 2.07 -20.37
N ALA A 61 11.94 0.77 -20.64
CA ALA A 61 12.85 -0.02 -21.45
C ALA A 61 13.06 0.60 -22.82
N LYS A 62 11.98 1.08 -23.46
CA LYS A 62 12.13 1.72 -24.77
C LYS A 62 12.84 3.06 -24.65
N GLN A 63 12.53 3.84 -23.61
CA GLN A 63 13.09 5.18 -23.49
C GLN A 63 14.60 5.15 -23.28
N TYR A 64 15.10 4.15 -22.57
CA TYR A 64 16.51 4.08 -22.24
C TYR A 64 17.24 2.91 -22.88
N GLN A 65 16.57 2.14 -23.73
CA GLN A 65 17.17 0.94 -24.33
C GLN A 65 17.77 0.04 -23.25
N VAL A 66 16.94 -0.29 -22.26
CA VAL A 66 17.33 -1.11 -21.12
C VAL A 66 16.38 -2.30 -21.07
N GLU A 67 16.94 -3.51 -21.01
CA GLU A 67 16.12 -4.70 -20.88
C GLU A 67 15.57 -4.74 -19.46
N THR A 68 14.27 -4.50 -19.31
CA THR A 68 13.68 -4.21 -18.01
C THR A 68 12.69 -5.30 -17.64
N GLN A 69 12.89 -5.91 -16.49
CA GLN A 69 12.07 -7.01 -16.03
C GLN A 69 11.50 -6.65 -14.67
N PHE A 70 10.36 -7.23 -14.32
CA PHE A 70 9.80 -6.95 -13.00
C PHE A 70 9.26 -8.21 -12.38
N ILE A 71 9.16 -8.18 -11.05
CA ILE A 71 8.51 -9.21 -10.26
C ILE A 71 7.51 -8.49 -9.37
N GLN A 72 6.24 -8.86 -9.47
CA GLN A 72 5.16 -8.22 -8.72
C GLN A 72 4.94 -8.95 -7.41
N GLY A 73 4.74 -8.19 -6.34
CA GLY A 73 4.42 -8.79 -5.06
C GLY A 73 3.90 -7.76 -4.09
N GLY A 74 3.20 -8.24 -3.07
CA GLY A 74 2.73 -7.35 -2.01
C GLY A 74 3.88 -6.74 -1.24
N THR A 75 3.56 -5.73 -0.42
CA THR A 75 4.61 -5.00 0.30
C THR A 75 5.38 -5.94 1.21
N GLY A 76 4.67 -6.79 1.96
CA GLY A 76 5.36 -7.72 2.84
C GLY A 76 6.10 -8.81 2.08
N THR A 77 5.52 -9.26 0.96
CA THR A 77 6.18 -10.26 0.14
C THR A 77 7.54 -9.77 -0.35
N ILE A 78 7.56 -8.56 -0.91
CA ILE A 78 8.81 -8.01 -1.43
C ILE A 78 9.80 -7.72 -0.31
N PHE A 79 9.33 -7.14 0.80
CA PHE A 79 10.19 -6.94 1.96
C PHE A 79 10.89 -8.25 2.35
N GLY A 80 10.11 -9.33 2.42
CA GLY A 80 10.69 -10.62 2.77
C GLY A 80 11.75 -11.07 1.79
N LYS A 81 11.50 -10.89 0.49
CA LYS A 81 12.48 -11.27 -0.51
C LYS A 81 13.77 -10.45 -0.36
N ILE A 82 13.63 -9.14 -0.20
CA ILE A 82 14.81 -8.28 -0.08
C ILE A 82 15.65 -8.71 1.11
N LYS A 83 15.00 -8.95 2.25
CA LYS A 83 15.77 -9.44 3.40
C LYS A 83 16.47 -10.76 3.08
N ALA A 84 15.77 -11.68 2.42
CA ALA A 84 16.35 -13.00 2.17
C ALA A 84 17.49 -12.91 1.17
N GLU A 85 17.48 -11.91 0.29
CA GLU A 85 18.42 -11.80 -0.82
C GLU A 85 19.56 -10.83 -0.54
N LYS A 86 19.65 -10.36 0.70
CA LYS A 86 20.58 -9.30 1.09
C LYS A 86 22.00 -9.54 0.59
N ASP A 87 22.50 -10.77 0.70
CA ASP A 87 23.88 -11.06 0.32
C ASP A 87 24.08 -11.19 -1.18
N ASN A 88 23.01 -11.28 -1.97
CA ASN A 88 23.10 -11.39 -3.41
C ASN A 88 21.78 -10.91 -4.01
N PRO A 89 21.57 -9.59 -4.05
CA PRO A 89 20.25 -9.06 -4.44
C PRO A 89 19.85 -9.49 -5.85
N GLN A 90 18.56 -9.75 -6.01
CA GLN A 90 18.00 -10.18 -7.29
C GLN A 90 17.17 -9.10 -7.95
N ALA A 91 17.09 -7.91 -7.36
CA ALA A 91 16.44 -6.78 -8.01
C ALA A 91 17.25 -5.54 -7.69
N ASP A 92 16.99 -4.47 -8.44
CA ASP A 92 17.74 -3.24 -8.31
C ASP A 92 16.95 -2.12 -7.64
N ILE A 93 15.64 -2.11 -7.80
CA ILE A 93 14.79 -1.07 -7.24
C ILE A 93 13.46 -1.68 -6.85
N TRP A 94 12.88 -1.16 -5.76
CA TRP A 94 11.57 -1.58 -5.25
C TRP A 94 10.62 -0.40 -5.45
N VAL A 95 9.61 -0.59 -6.29
CA VAL A 95 8.68 0.47 -6.67
C VAL A 95 7.30 0.13 -6.11
N GLY A 96 6.77 1.04 -5.30
CA GLY A 96 5.44 0.87 -4.75
C GLY A 96 5.45 0.08 -3.45
N GLY A 97 4.27 -0.03 -2.87
CA GLY A 97 4.06 -0.68 -1.59
C GLY A 97 4.06 0.33 -0.45
N THR A 98 3.43 -0.05 0.67
CA THR A 98 3.33 0.88 1.78
C THR A 98 4.73 1.20 2.31
N ILE A 99 4.88 2.44 2.82
CA ILE A 99 6.21 2.97 2.96
C ILE A 99 6.89 2.51 4.25
N GLU A 100 6.14 2.08 5.27
CA GLU A 100 6.82 1.71 6.51
C GLU A 100 7.76 0.52 6.31
N PRO A 101 7.41 -0.53 5.55
CA PRO A 101 8.39 -1.59 5.26
C PRO A 101 9.59 -1.09 4.46
N HIS A 102 9.41 -0.11 3.56
CA HIS A 102 10.56 0.51 2.92
C HIS A 102 11.47 1.14 3.98
N PHE A 103 10.89 1.92 4.89
CA PHE A 103 11.69 2.56 5.94
C PHE A 103 12.42 1.50 6.77
N GLN A 104 11.72 0.40 7.09
CA GLN A 104 12.33 -0.66 7.87
C GLN A 104 13.50 -1.30 7.14
N ALA A 105 13.33 -1.57 5.85
CA ALA A 105 14.42 -2.10 5.04
C ALA A 105 15.63 -1.16 5.08
N GLY A 106 15.36 0.14 5.08
CA GLY A 106 16.45 1.11 5.17
C GLY A 106 17.22 0.97 6.46
N GLU A 107 16.50 0.80 7.58
CA GLU A 107 17.19 0.66 8.86
C GLU A 107 18.00 -0.63 8.91
N LEU A 108 17.58 -1.66 8.18
CA LEU A 108 18.27 -2.94 8.16
C LEU A 108 19.45 -2.97 7.21
N GLY A 109 19.79 -1.84 6.59
CA GLY A 109 20.95 -1.82 5.70
C GLY A 109 20.71 -2.41 4.33
N LEU A 110 19.46 -2.51 3.91
CA LEU A 110 19.11 -3.19 2.67
C LEU A 110 18.97 -2.25 1.48
N LEU A 111 19.06 -0.93 1.69
CA LEU A 111 18.78 0.04 0.66
C LEU A 111 20.00 0.89 0.33
N GLU A 112 20.11 1.27 -0.93
CA GLU A 112 21.11 2.24 -1.37
C GLU A 112 20.68 3.67 -1.04
N SER A 113 21.66 4.54 -0.79
CA SER A 113 21.38 5.97 -0.63
C SER A 113 21.39 6.67 -1.98
N TYR A 114 20.31 7.40 -2.28
CA TYR A 114 20.21 8.19 -3.50
C TYR A 114 19.06 9.17 -3.37
N ARG A 115 19.30 10.45 -3.61
CA ARG A 115 18.25 11.45 -3.56
C ARG A 115 18.01 11.98 -4.97
N SER A 116 16.91 11.54 -5.58
CA SER A 116 16.56 12.01 -6.91
C SER A 116 16.30 13.52 -6.89
N PRO A 117 16.68 14.24 -7.94
CA PRO A 117 16.26 15.64 -8.04
C PRO A 117 14.76 15.82 -7.97
N LYS A 118 13.99 14.80 -8.35
CA LYS A 118 12.53 14.89 -8.34
C LYS A 118 11.95 14.87 -6.93
N GLN A 119 12.78 14.64 -5.90
CA GLN A 119 12.27 14.74 -4.53
C GLN A 119 11.76 16.14 -4.23
N ALA A 120 12.34 17.16 -4.86
CA ALA A 120 11.90 18.53 -4.62
C ALA A 120 10.44 18.73 -5.00
N GLU A 121 9.88 17.86 -5.84
CA GLU A 121 8.50 18.01 -6.30
C GLU A 121 7.49 17.27 -5.45
N ILE A 122 7.92 16.56 -4.40
CA ILE A 122 7.00 15.87 -3.50
C ILE A 122 6.19 16.92 -2.75
N LEU A 123 4.90 16.64 -2.55
CA LEU A 123 4.03 17.55 -1.82
C LEU A 123 4.71 18.04 -0.54
N PRO A 124 4.63 19.34 -0.23
CA PRO A 124 5.41 19.88 0.90
C PRO A 124 5.03 19.34 2.27
N GLN A 125 3.83 18.78 2.43
CA GLN A 125 3.46 18.20 3.73
C GLN A 125 4.38 17.04 4.12
N PHE A 126 5.13 16.47 3.18
CA PHE A 126 6.01 15.34 3.43
C PHE A 126 7.47 15.74 3.57
N LYS A 127 7.74 17.05 3.62
CA LYS A 127 9.10 17.55 3.66
C LYS A 127 9.86 16.99 4.86
N SER A 128 9.27 17.11 6.05
CA SER A 128 9.96 16.66 7.25
C SER A 128 10.23 15.16 7.22
N LEU A 129 9.27 14.38 6.73
CA LEU A 129 9.49 12.94 6.64
C LEU A 129 10.60 12.61 5.65
N MET A 130 10.69 13.37 4.56
CA MET A 130 11.75 13.11 3.58
C MET A 130 13.11 13.56 4.09
N GLU A 131 13.15 14.56 4.98
CA GLU A 131 14.40 14.89 5.65
C GLU A 131 14.92 13.70 6.45
N LYS A 132 14.02 12.97 7.10
CA LYS A 132 14.46 11.90 8.00
C LYS A 132 14.72 10.60 7.26
N ARG A 133 13.93 10.28 6.24
CA ARG A 133 13.96 8.98 5.58
C ARG A 133 14.32 9.04 4.11
N GLY A 134 14.38 10.23 3.51
CA GLY A 134 14.48 10.35 2.07
C GLY A 134 15.84 10.00 1.48
N ASP A 135 16.86 9.78 2.32
CA ASP A 135 18.11 9.32 1.72
C ASP A 135 17.95 7.95 1.09
N LYS A 136 16.99 7.15 1.56
CA LYS A 136 16.86 5.78 1.11
C LYS A 136 15.48 5.42 0.57
N THR A 137 14.46 6.21 0.84
CA THR A 137 13.11 5.91 0.37
C THR A 137 12.43 7.21 -0.05
N SER A 138 11.80 7.21 -1.22
CA SER A 138 11.05 8.34 -1.70
C SER A 138 9.56 7.99 -1.74
N ILE A 139 8.73 9.03 -1.74
CA ILE A 139 7.27 8.89 -1.79
C ILE A 139 6.83 9.07 -3.22
N ILE A 140 5.97 8.16 -3.72
CA ILE A 140 5.52 8.25 -5.11
C ILE A 140 4.00 8.22 -5.25
N TYR A 141 3.26 7.93 -4.18
CA TYR A 141 1.80 8.12 -4.19
C TYR A 141 1.29 8.03 -2.76
N MET A 142 -0.03 8.18 -2.61
CA MET A 142 -0.63 7.98 -1.30
C MET A 142 -1.96 7.27 -1.47
N LEU A 143 -2.39 6.60 -0.39
CA LEU A 143 -3.55 5.71 -0.37
C LEU A 143 -4.32 5.97 0.90
N VAL A 144 -5.64 5.88 0.84
CA VAL A 144 -6.49 6.10 2.00
C VAL A 144 -7.10 4.77 2.42
N LEU A 145 -7.08 4.49 3.71
CA LEU A 145 -7.59 3.22 4.23
C LEU A 145 -9.07 3.34 4.57
N GLY A 146 -9.87 2.39 4.09
CA GLY A 146 -11.29 2.38 4.37
C GLY A 146 -11.89 1.00 4.27
N PHE A 147 -13.20 0.92 4.07
CA PHE A 147 -13.89 -0.34 3.87
C PHE A 147 -14.42 -0.42 2.45
N GLY A 148 -14.45 -1.64 1.91
CA GLY A 148 -15.25 -1.96 0.73
C GLY A 148 -16.41 -2.83 1.17
N VAL A 149 -17.58 -2.58 0.60
CA VAL A 149 -18.78 -3.34 0.97
C VAL A 149 -19.45 -3.80 -0.31
N ASN A 150 -19.97 -5.03 -0.28
CA ASN A 150 -20.71 -5.58 -1.41
C ASN A 150 -22.20 -5.36 -1.10
N SER A 151 -22.84 -4.48 -1.86
CA SER A 151 -24.20 -4.06 -1.49
C SER A 151 -25.18 -5.21 -1.61
N GLU A 152 -24.94 -6.15 -2.52
CA GLU A 152 -25.81 -7.30 -2.66
C GLU A 152 -25.69 -8.21 -1.45
N LYS A 153 -24.45 -8.51 -1.04
CA LYS A 153 -24.25 -9.36 0.13
C LYS A 153 -24.84 -8.70 1.37
N LEU A 154 -24.72 -7.36 1.44
CA LEU A 154 -25.24 -6.62 2.57
C LEU A 154 -26.76 -6.82 2.72
N GLN A 155 -27.49 -6.70 1.61
CA GLN A 155 -28.93 -6.96 1.64
C GLN A 155 -29.21 -8.39 2.08
N LYS A 156 -28.45 -9.36 1.57
CA LYS A 156 -28.68 -10.76 1.93
C LYS A 156 -28.48 -10.98 3.43
N LEU A 157 -27.44 -10.36 4.00
CA LEU A 157 -27.25 -10.47 5.44
C LEU A 157 -28.27 -9.67 6.24
N GLY A 158 -28.99 -8.76 5.60
CA GLY A 158 -29.95 -7.95 6.32
C GLY A 158 -29.35 -6.95 7.27
N VAL A 159 -28.16 -6.43 6.98
CA VAL A 159 -27.53 -5.45 7.83
C VAL A 159 -27.19 -4.22 7.00
N LYS A 160 -27.17 -3.06 7.65
CA LYS A 160 -26.83 -1.82 6.96
C LYS A 160 -25.33 -1.75 6.70
N ALA A 161 -24.96 -0.98 5.68
CA ALA A 161 -23.54 -0.82 5.38
C ALA A 161 -22.81 -0.30 6.61
N PRO A 162 -21.66 -0.89 6.97
CA PRO A 162 -20.93 -0.42 8.14
C PRO A 162 -20.39 0.98 7.89
N GLN A 163 -20.48 1.82 8.92
CA GLN A 163 -19.96 3.17 8.85
C GLN A 163 -18.86 3.42 9.87
N SER A 164 -18.69 2.54 10.84
CA SER A 164 -17.69 2.66 11.88
C SER A 164 -16.89 1.37 11.94
N TRP A 165 -15.72 1.45 12.58
CA TRP A 165 -14.92 0.25 12.81
C TRP A 165 -15.70 -0.77 13.65
N ASP A 166 -16.37 -0.30 14.70
CA ASP A 166 -17.12 -1.22 15.55
C ASP A 166 -18.28 -1.90 14.81
N ASP A 167 -18.81 -1.26 13.76
CA ASP A 167 -19.87 -1.90 12.99
C ASP A 167 -19.44 -3.25 12.41
N LEU A 168 -18.15 -3.45 12.17
CA LEU A 168 -17.69 -4.70 11.58
C LEU A 168 -17.76 -5.86 12.56
N LEU A 169 -17.93 -5.59 13.85
CA LEU A 169 -18.02 -6.64 14.85
C LEU A 169 -19.42 -7.23 14.97
N ASN A 170 -20.39 -6.67 14.27
CA ASN A 170 -21.75 -7.19 14.23
C ASN A 170 -21.71 -8.71 14.02
N PRO A 171 -22.38 -9.51 14.86
CA PRO A 171 -22.39 -10.96 14.62
C PRO A 171 -22.99 -11.35 13.28
N ALA A 172 -23.81 -10.51 12.67
CA ALA A 172 -24.31 -10.80 11.34
C ALA A 172 -23.19 -10.92 10.31
N PHE A 173 -22.00 -10.39 10.61
CA PHE A 173 -20.87 -10.44 9.70
C PHE A 173 -19.99 -11.67 9.90
N LYS A 174 -20.38 -12.61 10.76
CA LYS A 174 -19.57 -13.81 10.94
C LYS A 174 -19.32 -14.50 9.60
N GLY A 175 -18.03 -14.73 9.31
CA GLY A 175 -17.63 -15.39 8.08
C GLY A 175 -17.71 -14.53 6.84
N GLU A 176 -18.00 -13.23 6.99
CA GLU A 176 -18.25 -12.35 5.86
C GLU A 176 -17.27 -11.19 5.75
N ILE A 177 -16.28 -11.10 6.64
CA ILE A 177 -15.26 -10.06 6.58
C ILE A 177 -13.97 -10.69 6.08
N GLN A 178 -13.25 -9.98 5.21
CA GLN A 178 -11.90 -10.37 4.85
C GLN A 178 -10.98 -9.15 4.92
N LEU A 179 -9.71 -9.42 5.23
CA LEU A 179 -8.66 -8.43 5.08
C LEU A 179 -7.37 -9.17 4.81
N PRO A 180 -6.31 -8.46 4.40
CA PRO A 180 -5.12 -9.14 3.89
C PRO A 180 -4.28 -9.77 5.01
N ASP A 181 -3.52 -10.79 4.61
CA ASP A 181 -2.62 -11.42 5.59
C ASP A 181 -1.35 -10.59 5.72
N PRO A 182 -0.89 -10.32 6.94
CA PRO A 182 0.23 -9.40 7.12
C PRO A 182 1.57 -9.97 6.67
N ARG A 183 1.65 -11.26 6.35
CA ARG A 183 2.87 -11.80 5.76
C ARG A 183 3.14 -11.17 4.39
N SER A 184 2.10 -11.00 3.59
CA SER A 184 2.27 -10.49 2.24
C SER A 184 1.94 -9.00 2.12
N SER A 185 1.08 -8.47 2.99
CA SER A 185 0.35 -7.24 2.72
C SER A 185 0.80 -6.09 3.64
N GLY A 186 1.23 -4.98 3.04
CA GLY A 186 1.41 -3.77 3.81
C GLY A 186 0.11 -3.17 4.31
N THR A 187 -0.99 -3.41 3.58
CA THR A 187 -2.30 -2.93 4.04
C THR A 187 -2.53 -3.32 5.50
N THR A 188 -2.22 -4.56 5.86
CA THR A 188 -2.57 -4.99 7.20
C THR A 188 -1.69 -4.33 8.24
N TYR A 189 -0.46 -4.01 7.89
CA TYR A 189 0.37 -3.22 8.80
C TYR A 189 -0.22 -1.82 8.97
N THR A 190 -0.69 -1.22 7.86
CA THR A 190 -1.36 0.07 7.97
C THR A 190 -2.62 -0.03 8.82
N ILE A 191 -3.34 -1.14 8.73
CA ILE A 191 -4.50 -1.35 9.59
C ILE A 191 -4.08 -1.36 11.06
N MET A 192 -3.06 -2.15 11.38
CA MET A 192 -2.58 -2.18 12.76
C MET A 192 -2.16 -0.79 13.21
N ALA A 193 -1.35 -0.09 12.41
CA ALA A 193 -0.86 1.22 12.82
C ALA A 193 -1.99 2.22 12.96
N THR A 194 -3.00 2.14 12.08
CA THR A 194 -4.16 3.02 12.19
C THR A 194 -4.88 2.80 13.50
N LEU A 195 -5.15 1.52 13.83
CA LEU A 195 -5.89 1.20 15.04
C LEU A 195 -5.08 1.55 16.29
N ILE A 196 -3.76 1.35 16.24
CA ILE A 196 -2.94 1.68 17.40
C ILE A 196 -2.95 3.18 17.65
N GLN A 197 -2.86 3.98 16.59
CA GLN A 197 -2.91 5.43 16.76
C GLN A 197 -4.30 5.91 17.19
N LYS A 198 -5.35 5.23 16.74
CA LYS A 198 -6.72 5.59 17.13
C LYS A 198 -6.99 5.27 18.59
N LEU A 199 -6.63 4.05 19.01
CA LEU A 199 -7.16 3.44 20.21
C LEU A 199 -6.11 3.16 21.29
N GLY A 200 -4.83 3.24 20.99
CA GLY A 200 -3.80 2.67 21.83
C GLY A 200 -3.64 1.20 21.49
N GLU A 201 -2.45 0.66 21.80
CA GLU A 201 -2.16 -0.69 21.32
C GLU A 201 -3.02 -1.76 22.01
N GLU A 202 -3.32 -1.60 23.30
CA GLU A 202 -4.10 -2.62 23.98
C GLU A 202 -5.49 -2.75 23.36
N LYS A 203 -6.19 -1.61 23.19
CA LYS A 203 -7.52 -1.68 22.63
C LYS A 203 -7.48 -2.00 21.14
N ALA A 204 -6.39 -1.64 20.47
CA ALA A 204 -6.25 -2.02 19.07
C ALA A 204 -6.27 -3.54 18.92
N PHE A 205 -5.48 -4.25 19.73
CA PHE A 205 -5.45 -5.70 19.58
C PHE A 205 -6.71 -6.35 20.16
N GLU A 206 -7.35 -5.73 21.15
CA GLU A 206 -8.67 -6.21 21.57
C GLU A 206 -9.64 -6.14 20.40
N TYR A 207 -9.66 -5.02 19.69
CA TYR A 207 -10.55 -4.88 18.53
C TYR A 207 -10.24 -5.93 17.46
N LEU A 208 -8.94 -6.10 17.15
CA LEU A 208 -8.57 -7.05 16.10
C LEU A 208 -8.94 -8.48 16.49
N LYS A 209 -8.86 -8.83 17.77
CA LYS A 209 -9.26 -10.17 18.19
C LYS A 209 -10.76 -10.36 18.02
N LYS A 210 -11.55 -9.34 18.32
CA LYS A 210 -12.99 -9.42 18.09
C LYS A 210 -13.30 -9.46 16.60
N LEU A 211 -12.60 -8.63 15.81
CA LEU A 211 -12.78 -8.67 14.36
C LEU A 211 -12.44 -10.03 13.78
N ASN A 212 -11.39 -10.68 14.31
CA ASN A 212 -10.96 -11.97 13.79
C ASN A 212 -12.08 -13.00 13.84
N GLU A 213 -13.01 -12.87 14.79
CA GLU A 213 -14.12 -13.80 14.88
C GLU A 213 -15.05 -13.73 13.68
N ASN A 214 -15.05 -12.61 12.95
CA ASN A 214 -15.89 -12.47 11.76
C ASN A 214 -15.12 -12.66 10.46
N VAL A 215 -13.82 -12.87 10.53
CA VAL A 215 -13.00 -12.99 9.33
C VAL A 215 -13.03 -14.42 8.81
N SER A 216 -13.29 -14.59 7.52
CA SER A 216 -13.28 -15.92 6.94
C SER A 216 -11.84 -16.42 6.77
N GLN A 217 -11.00 -15.61 6.14
CA GLN A 217 -9.61 -15.98 5.89
C GLN A 217 -8.85 -14.70 5.57
N TYR A 218 -7.56 -14.70 5.87
CA TYR A 218 -6.68 -13.60 5.48
C TYR A 218 -5.90 -14.05 4.25
N VAL A 219 -5.96 -13.25 3.17
CA VAL A 219 -5.34 -13.62 1.91
C VAL A 219 -4.63 -12.40 1.31
N LYS A 220 -4.00 -12.60 0.15
CA LYS A 220 -3.32 -11.50 -0.52
C LYS A 220 -4.30 -10.37 -0.81
N SER A 221 -3.78 -9.13 -0.76
CA SER A 221 -4.67 -7.97 -0.86
C SER A 221 -5.51 -8.01 -2.14
N ASN A 222 -4.90 -8.41 -3.25
CA ASN A 222 -5.66 -8.39 -4.50
C ASN A 222 -6.76 -9.44 -4.49
N LEU A 223 -6.57 -10.54 -3.76
CA LEU A 223 -7.63 -11.53 -3.59
C LEU A 223 -8.73 -11.01 -2.68
N VAL A 224 -8.38 -10.27 -1.63
CA VAL A 224 -9.42 -9.61 -0.82
C VAL A 224 -10.32 -8.79 -1.74
N THR A 225 -9.71 -7.97 -2.60
CA THR A 225 -10.50 -7.13 -3.50
C THR A 225 -11.35 -7.98 -4.43
N ALA A 226 -10.75 -9.02 -5.01
CA ALA A 226 -11.48 -9.85 -5.96
C ALA A 226 -12.63 -10.57 -5.26
N ASN A 227 -12.38 -11.10 -4.05
CA ASN A 227 -13.41 -11.84 -3.33
C ASN A 227 -14.60 -10.95 -2.99
N LEU A 228 -14.35 -9.68 -2.63
CA LEU A 228 -15.44 -8.76 -2.33
C LEU A 228 -16.31 -8.54 -3.57
N SER A 229 -15.66 -8.29 -4.71
CA SER A 229 -16.41 -8.02 -5.94
C SER A 229 -17.28 -9.21 -6.32
N ARG A 230 -16.77 -10.43 -6.13
CA ARG A 230 -17.50 -11.65 -6.44
C ARG A 230 -18.55 -11.99 -5.41
N GLY A 231 -18.54 -11.34 -4.25
CA GLY A 231 -19.49 -11.67 -3.20
C GLY A 231 -19.12 -12.87 -2.36
N GLU A 232 -17.84 -13.28 -2.38
CA GLU A 232 -17.39 -14.27 -1.40
C GLU A 232 -17.39 -13.67 0.00
N SER A 233 -17.15 -12.37 0.10
CA SER A 233 -17.21 -11.62 1.34
C SER A 233 -18.28 -10.56 1.22
N SER A 234 -18.63 -9.96 2.35
CA SER A 234 -19.57 -8.87 2.38
C SER A 234 -18.91 -7.52 2.60
N ALA A 235 -17.82 -7.49 3.38
CA ALA A 235 -17.09 -6.26 3.62
C ALA A 235 -15.62 -6.59 3.81
N SER A 236 -14.76 -5.67 3.40
CA SER A 236 -13.33 -5.85 3.53
C SER A 236 -12.73 -4.55 4.02
N ILE A 237 -11.49 -4.63 4.52
CA ILE A 237 -10.73 -3.45 4.88
C ILE A 237 -9.56 -3.34 3.92
N GLY A 238 -9.37 -2.15 3.37
CA GLY A 238 -8.27 -1.99 2.43
C GLY A 238 -8.21 -0.58 1.90
N PHE A 239 -7.24 -0.36 1.02
CA PHE A 239 -7.10 0.95 0.42
C PHE A 239 -8.19 1.17 -0.63
N VAL A 240 -8.76 2.37 -0.63
CA VAL A 240 -10.08 2.54 -1.25
C VAL A 240 -10.02 2.77 -2.76
N HIS A 241 -8.84 3.05 -3.31
CA HIS A 241 -8.75 3.20 -4.76
C HIS A 241 -9.20 1.93 -5.46
N ALA A 242 -8.84 0.77 -4.92
CA ALA A 242 -9.24 -0.48 -5.56
C ALA A 242 -10.75 -0.63 -5.59
N TYR A 243 -11.46 -0.13 -4.58
CA TYR A 243 -12.91 -0.28 -4.60
C TYR A 243 -13.56 0.66 -5.61
N ALA A 244 -12.97 1.84 -5.84
CA ALA A 244 -13.48 2.72 -6.89
C ALA A 244 -13.31 2.06 -8.26
N THR A 245 -12.17 1.43 -8.52
CA THR A 245 -11.97 0.73 -9.77
C THR A 245 -12.96 -0.43 -9.92
N GLU A 246 -13.12 -1.23 -8.86
CA GLU A 246 -14.05 -2.36 -8.95
C GLU A 246 -15.46 -1.90 -9.30
N LYS A 247 -15.94 -0.83 -8.66
CA LYS A 247 -17.29 -0.33 -8.95
C LYS A 247 -17.39 0.19 -10.37
N GLU A 248 -16.37 0.94 -10.83
CA GLU A 248 -16.42 1.46 -12.19
C GLU A 248 -16.46 0.32 -13.21
N LYS A 249 -15.84 -0.81 -12.89
CA LYS A 249 -15.85 -1.96 -13.78
C LYS A 249 -17.06 -2.86 -13.55
N GLY A 250 -18.05 -2.39 -12.81
CA GLY A 250 -19.33 -3.06 -12.74
C GLY A 250 -19.58 -3.96 -11.55
N ALA A 251 -18.69 -3.95 -10.54
CA ALA A 251 -18.95 -4.72 -9.33
C ALA A 251 -19.89 -3.95 -8.41
N PRO A 252 -20.75 -4.65 -7.67
CA PRO A 252 -21.67 -3.99 -6.73
C PRO A 252 -21.00 -3.66 -5.40
N VAL A 253 -19.95 -2.86 -5.48
CA VAL A 253 -19.06 -2.54 -4.36
C VAL A 253 -19.14 -1.04 -4.10
N GLU A 254 -19.24 -0.67 -2.82
CA GLU A 254 -19.21 0.73 -2.42
C GLU A 254 -18.04 0.95 -1.47
N THR A 255 -17.55 2.19 -1.45
CA THR A 255 -16.47 2.58 -0.56
C THR A 255 -17.03 3.25 0.69
N VAL A 256 -16.44 2.92 1.84
CA VAL A 256 -16.78 3.60 3.09
C VAL A 256 -15.50 4.15 3.71
N ILE A 257 -15.46 5.44 4.00
CA ILE A 257 -14.46 6.02 4.88
C ILE A 257 -14.98 5.89 6.30
N PRO A 258 -14.39 5.04 7.13
CA PRO A 258 -14.97 4.81 8.46
C PRO A 258 -14.95 6.09 9.29
N ALA A 259 -16.00 6.24 10.11
CA ALA A 259 -16.15 7.41 10.95
C ALA A 259 -14.92 7.58 11.85
N GLY A 260 -14.62 8.85 12.15
CA GLY A 260 -13.51 9.17 13.03
C GLY A 260 -12.22 9.44 12.27
N LYS A 261 -11.10 9.34 12.98
CA LYS A 261 -9.81 9.58 12.35
C LYS A 261 -9.56 8.54 11.28
N VAL A 262 -8.94 8.96 10.18
CA VAL A 262 -8.76 8.16 8.98
C VAL A 262 -7.28 7.79 8.85
N GLY A 263 -7.02 6.50 8.62
CA GLY A 263 -5.67 6.06 8.37
C GLY A 263 -5.34 6.10 6.89
N TYR A 264 -4.06 6.20 6.57
CA TYR A 264 -3.64 6.24 5.18
C TYR A 264 -2.20 5.76 5.07
N ALA A 265 -1.74 5.61 3.83
CA ALA A 265 -0.42 5.06 3.57
C ALA A 265 0.25 5.87 2.47
N LEU A 266 1.57 5.80 2.43
CA LEU A 266 2.33 6.37 1.33
C LEU A 266 2.93 5.23 0.52
N GLY A 267 3.01 5.41 -0.80
CA GLY A 267 3.72 4.48 -1.64
C GLY A 267 5.20 4.83 -1.69
N GLY A 268 6.05 3.83 -1.43
CA GLY A 268 7.48 4.05 -1.36
C GLY A 268 8.20 3.62 -2.62
N ALA A 269 9.40 4.15 -2.80
CA ALA A 269 10.29 3.67 -3.83
C ALA A 269 11.71 3.72 -3.27
N SER A 270 12.45 2.61 -3.40
CA SER A 270 13.78 2.51 -2.80
C SER A 270 14.70 1.74 -3.71
N ILE A 271 15.97 2.18 -3.80
CA ILE A 271 16.99 1.43 -4.53
C ILE A 271 17.62 0.41 -3.58
N ILE A 272 17.82 -0.80 -4.08
CA ILE A 272 18.29 -1.91 -3.27
C ILE A 272 19.80 -1.85 -3.13
N LYS A 273 20.27 -2.07 -1.90
CA LYS A 273 21.70 -1.99 -1.62
C LYS A 273 22.46 -3.03 -2.44
N ASN A 274 23.56 -2.61 -3.07
CA ASN A 274 24.33 -3.50 -3.93
C ASN A 274 23.54 -3.92 -5.16
N ALA A 275 22.65 -3.04 -5.63
CA ALA A 275 21.99 -3.24 -6.91
C ALA A 275 23.03 -3.57 -7.97
N ARG A 276 22.67 -4.50 -8.87
CA ARG A 276 23.56 -4.80 -10.00
C ARG A 276 23.59 -3.65 -10.99
N ASN A 277 22.46 -2.97 -11.15
CA ASN A 277 22.25 -1.96 -12.19
C ASN A 277 21.89 -0.63 -11.54
N LEU A 278 22.87 0.00 -10.89
CA LEU A 278 22.61 1.18 -10.06
C LEU A 278 22.20 2.39 -10.91
N GLU A 279 22.92 2.65 -12.00
CA GLU A 279 22.58 3.80 -12.83
C GLU A 279 21.16 3.69 -13.35
N ASN A 280 20.76 2.50 -13.81
CA ASN A 280 19.39 2.34 -14.31
C ASN A 280 18.37 2.41 -13.19
N ALA A 281 18.74 1.98 -11.98
CA ALA A 281 17.85 2.13 -10.83
C ALA A 281 17.61 3.59 -10.50
N LYS A 282 18.66 4.43 -10.61
CA LYS A 282 18.45 5.85 -10.35
C LYS A 282 17.54 6.47 -11.41
N LEU A 283 17.74 6.11 -12.68
CA LEU A 283 16.85 6.62 -13.72
C LEU A 283 15.41 6.18 -13.50
N PHE A 284 15.22 4.95 -13.03
CA PHE A 284 13.85 4.50 -12.76
C PHE A 284 13.26 5.24 -11.57
N MET A 285 14.09 5.56 -10.57
CA MET A 285 13.62 6.37 -9.45
C MET A 285 13.18 7.75 -9.92
N ASP A 286 14.01 8.43 -10.70
CA ASP A 286 13.62 9.73 -11.24
C ASP A 286 12.31 9.61 -11.99
N TYR A 287 12.14 8.51 -12.71
CA TYR A 287 10.99 8.29 -13.58
C TYR A 287 9.70 8.17 -12.76
N VAL A 288 9.69 7.35 -11.69
CA VAL A 288 8.45 7.17 -10.94
C VAL A 288 8.15 8.38 -10.05
N LEU A 289 9.14 9.24 -9.80
CA LEU A 289 8.91 10.50 -9.09
C LEU A 289 8.42 11.62 -10.00
N SER A 290 8.33 11.39 -11.31
CA SER A 290 7.95 12.44 -12.23
C SER A 290 6.43 12.53 -12.36
N ALA A 291 5.94 13.74 -12.63
CA ALA A 291 4.50 14.00 -12.58
C ALA A 291 3.74 13.18 -13.62
N GLU A 292 4.25 13.14 -14.86
CA GLU A 292 3.55 12.40 -15.90
C GLU A 292 3.44 10.93 -15.55
N THR A 293 4.49 10.37 -14.95
CA THR A 293 4.47 8.95 -14.59
C THR A 293 3.43 8.66 -13.54
N GLN A 294 3.15 9.61 -12.65
CA GLN A 294 2.17 9.38 -11.62
C GLN A 294 0.75 9.61 -12.09
N GLU A 295 0.56 10.17 -13.29
CA GLU A 295 -0.77 10.26 -13.89
C GLU A 295 -1.09 9.05 -14.74
N LEU A 296 -0.06 8.32 -15.15
CA LEU A 296 -0.26 7.14 -15.99
C LEU A 296 -1.19 6.10 -15.37
N PRO A 297 -1.19 5.84 -14.05
CA PRO A 297 -2.11 4.83 -13.52
C PRO A 297 -3.58 5.15 -13.79
N TRP A 298 -4.01 6.40 -13.59
CA TRP A 298 -5.42 6.66 -13.81
C TRP A 298 -5.71 6.92 -15.29
N ARG A 299 -4.81 7.63 -15.99
CA ARG A 299 -5.07 7.95 -17.39
C ARG A 299 -5.12 6.71 -18.26
N GLU A 300 -4.25 5.72 -17.98
CA GLU A 300 -4.07 4.58 -18.84
C GLU A 300 -4.60 3.27 -18.27
N HIS A 301 -4.88 3.21 -16.97
CA HIS A 301 -5.33 1.95 -16.40
C HIS A 301 -6.53 2.07 -15.47
N GLY A 302 -7.07 3.28 -15.27
CA GLY A 302 -8.27 3.41 -14.46
C GLY A 302 -8.06 2.99 -13.03
N VAL A 303 -6.81 3.16 -12.51
CA VAL A 303 -6.42 2.86 -11.08
C VAL A 303 -6.04 4.17 -10.43
N TYR A 304 -6.31 4.22 -9.13
CA TYR A 304 -6.52 5.55 -8.57
C TYR A 304 -5.63 5.90 -7.37
N GLN A 305 -4.45 5.31 -7.24
CA GLN A 305 -3.48 5.81 -6.26
C GLN A 305 -3.18 7.28 -6.50
N ILE A 306 -3.10 8.05 -5.42
CA ILE A 306 -3.10 9.51 -5.49
C ILE A 306 -1.66 9.98 -5.70
N PRO A 307 -1.38 10.77 -6.75
CA PRO A 307 -0.01 11.24 -6.96
C PRO A 307 0.46 12.10 -5.78
N THR A 308 1.76 12.02 -5.50
CA THR A 308 2.39 12.85 -4.49
C THR A 308 3.36 13.88 -5.09
N ASN A 309 3.56 13.85 -6.40
CA ASN A 309 4.26 14.93 -7.08
C ASN A 309 3.33 16.14 -7.14
N ALA A 310 3.78 17.27 -6.60
CA ALA A 310 2.93 18.46 -6.52
C ALA A 310 2.42 18.91 -7.88
N ASN A 311 3.11 18.58 -8.96
CA ASN A 311 2.74 19.01 -10.29
C ASN A 311 1.80 18.05 -11.00
N ALA A 312 1.56 16.88 -10.44
CA ALA A 312 0.65 15.91 -11.05
C ALA A 312 -0.80 16.22 -10.72
N LYS A 313 -1.69 15.87 -11.64
CA LYS A 313 -3.13 15.93 -11.42
C LYS A 313 -3.66 14.58 -10.99
N ALA A 314 -4.55 14.57 -10.01
CA ALA A 314 -5.20 13.33 -9.59
C ALA A 314 -6.46 13.11 -10.40
N SER A 315 -6.83 11.84 -10.56
CA SER A 315 -8.14 11.52 -11.14
C SER A 315 -9.24 12.01 -10.22
N PRO A 316 -10.36 12.50 -10.77
CA PRO A 316 -11.53 12.78 -9.91
C PRO A 316 -12.08 11.55 -9.23
N SER A 317 -11.66 10.34 -9.63
CA SER A 317 -12.13 9.13 -8.96
C SER A 317 -11.34 8.80 -7.71
N SER A 318 -10.16 9.39 -7.53
CA SER A 318 -9.43 9.26 -6.28
C SER A 318 -10.16 10.07 -5.21
N VAL A 319 -10.13 9.58 -3.97
CA VAL A 319 -10.64 10.41 -2.88
C VAL A 319 -9.68 11.58 -2.69
N ASP A 320 -10.21 12.69 -2.15
CA ASP A 320 -9.38 13.85 -1.86
C ASP A 320 -8.98 13.79 -0.39
N PRO A 321 -7.73 13.45 -0.05
CA PRO A 321 -7.38 13.35 1.37
C PRO A 321 -7.56 14.67 2.10
N LYS A 322 -7.50 15.80 1.39
CA LYS A 322 -7.63 17.08 2.05
C LYS A 322 -9.03 17.29 2.63
N LYS A 323 -10.03 16.51 2.20
CA LYS A 323 -11.38 16.60 2.75
C LYS A 323 -11.66 15.56 3.83
N LEU A 324 -10.68 14.76 4.21
CA LEU A 324 -10.87 13.69 5.20
C LEU A 324 -10.22 14.05 6.52
N ASP A 325 -10.67 13.38 7.58
CA ASP A 325 -10.18 13.62 8.93
C ASP A 325 -8.97 12.72 9.20
N LEU A 326 -7.87 13.01 8.48
CA LEU A 326 -6.70 12.15 8.54
C LEU A 326 -6.05 12.18 9.92
N LEU A 327 -5.62 11.00 10.38
CA LEU A 327 -4.65 10.95 11.46
C LEU A 327 -3.42 11.75 11.07
N ASP A 328 -2.76 12.32 12.09
CA ASP A 328 -1.39 12.80 11.92
C ASP A 328 -0.51 11.55 11.96
N PHE A 329 -0.42 10.88 10.81
CA PHE A 329 0.05 9.50 10.77
C PHE A 329 1.55 9.44 11.01
N ASP A 330 1.97 8.67 12.01
CA ASP A 330 3.36 8.66 12.44
C ASP A 330 4.15 7.62 11.63
N PHE A 331 4.39 7.96 10.36
CA PHE A 331 5.10 7.02 9.49
C PHE A 331 6.49 6.74 10.02
N ASP A 332 7.12 7.73 10.63
CA ASP A 332 8.50 7.54 11.07
C ASP A 332 8.58 6.52 12.20
N LYS A 333 7.62 6.56 13.12
CA LYS A 333 7.59 5.58 14.20
C LYS A 333 7.33 4.17 13.69
N PHE A 334 6.31 4.00 12.84
CA PHE A 334 6.00 2.66 12.38
C PHE A 334 6.96 2.16 11.31
N GLY A 335 7.85 3.03 10.83
CA GLY A 335 8.95 2.67 9.98
C GLY A 335 10.15 2.10 10.70
N SER A 336 10.10 2.04 12.02
CA SER A 336 11.16 1.39 12.78
C SER A 336 11.18 -0.11 12.50
N SER A 337 12.35 -0.66 12.21
CA SER A 337 12.44 -2.10 11.99
C SER A 337 12.07 -2.86 13.26
N GLU A 338 12.46 -2.34 14.43
CA GLU A 338 12.12 -2.98 15.69
C GLU A 338 10.61 -3.03 15.88
N GLU A 339 9.93 -1.89 15.64
CA GLU A 339 8.48 -1.83 15.82
C GLU A 339 7.75 -2.69 14.79
N GLY A 340 8.17 -2.64 13.53
CA GLY A 340 7.53 -3.46 12.52
C GLY A 340 7.59 -4.94 12.82
N LYS A 341 8.77 -5.42 13.21
CA LYS A 341 8.89 -6.84 13.51
C LYS A 341 8.09 -7.21 14.75
N ARG A 342 8.13 -6.36 15.78
CA ARG A 342 7.37 -6.66 17.00
C ARG A 342 5.88 -6.80 16.70
N LEU A 343 5.33 -5.90 15.89
CA LEU A 343 3.89 -5.89 15.63
C LEU A 343 3.48 -7.03 14.71
N ILE A 344 4.30 -7.35 13.70
CA ILE A 344 3.97 -8.49 12.84
C ILE A 344 4.01 -9.78 13.65
N ASP A 345 5.06 -9.95 14.46
CA ASP A 345 5.12 -11.13 15.31
C ASP A 345 3.94 -11.17 16.27
N LYS A 346 3.50 -10.01 16.76
CA LYS A 346 2.40 -9.98 17.71
C LYS A 346 1.08 -10.32 17.02
N TRP A 347 0.87 -9.82 15.80
CA TRP A 347 -0.29 -10.26 15.02
C TRP A 347 -0.29 -11.78 14.89
N LEU A 348 0.87 -12.35 14.51
CA LEU A 348 0.92 -13.78 14.23
C LEU A 348 0.67 -14.61 15.48
N THR A 349 1.02 -14.09 16.65
CA THR A 349 0.87 -14.83 17.88
C THR A 349 -0.51 -14.67 18.50
N GLU A 350 -1.12 -13.49 18.34
CA GLU A 350 -2.33 -13.12 19.06
C GLU A 350 -3.58 -13.12 18.19
N ILE A 351 -3.44 -12.90 16.89
CA ILE A 351 -4.63 -12.83 16.05
C ILE A 351 -4.83 -14.17 15.35
N LYS A 352 -3.86 -14.57 14.53
CA LYS A 352 -3.77 -15.96 14.07
C LYS A 352 -2.76 -16.08 12.93
N1 PLP B . 0.15 0.03 -3.54
C2 PLP B . -0.82 -0.10 -4.46
C2A PLP B . -0.76 0.82 -5.66
C3 PLP B . -1.85 -1.02 -4.31
O3 PLP B . -2.85 -1.14 -5.26
C4 PLP B . -1.86 -1.83 -3.16
C4A PLP B . -2.98 -2.85 -2.95
O4A PLP B . -4.05 -2.51 -2.54
C5 PLP B . -0.81 -1.66 -2.22
C6 PLP B . 0.17 -0.72 -2.44
C5A PLP B . -0.75 -2.54 -0.94
O4P PLP B . -0.62 -3.86 -1.29
P PLP B . -0.33 -4.89 -0.17
O1P PLP B . 1.14 -4.71 0.31
O2P PLP B . -1.33 -4.67 0.98
O3P PLP B . -0.51 -6.25 -0.75
H2A1 PLP B . -1.57 1.38 -5.68
H2A2 PLP B . 0.04 1.39 -5.60
H2A3 PLP B . -0.71 0.27 -6.49
HO3 PLP B . -2.66 -1.79 -5.81
H4A PLP B . -2.80 -3.84 -3.16
H6 PLP B . 0.91 -0.61 -1.79
H5A1 PLP B . 0.01 -2.27 -0.41
H5A2 PLP B . -1.55 -2.41 -0.44
#